data_6OH9
#
_entry.id   6OH9
#
_cell.length_a   107.229
_cell.length_b   107.229
_cell.length_c   114.831
_cell.angle_alpha   90.000
_cell.angle_beta   90.000
_cell.angle_gamma   90.000
#
_symmetry.space_group_name_H-M   'P 43 2 2'
#
loop_
_entity.id
_entity.type
_entity.pdbx_description
1 polymer 'Yeast Guanine Deaminase'
2 non-polymer 'ZINC ION'
3 non-polymer 'SULFATE ION'
4 non-polymer 'NONAETHYLENE GLYCOL'
5 water water
#
_entity_poly.entity_id   1
_entity_poly.type   'polypeptide(L)'
_entity_poly.pdbx_seq_one_letter_code
;MTKSDLLFDKFNDKHGKFLVFFGTFVDTPKLGELRIREKTSVGVLNGIIRFVNRNSLDPVKDCLDHDSSLSPEDVTVVDI
IGKDKTRNNSFYFPGFVDTHNHVSQYPNVGVFGNSTLLDWLEKYTFPIEAALANENIAREVYNKVISKTLSHGTTTVAYY
NTIDLKSTKLLAQLSSLLGQRVLVGKVCMDTNGPEYYIEDTKTSFESTVKVVKYIRETICDPLVNPIVTPRFAPSCSREL
MQQLSKLVKDENIHVQTHLSENKEEIQWVQDLFPECESYTDVYDKYGLLTEKTVLAHCIHLTDAEARVIKQRRCGISHCP
ISNSSLTSGECRVRWLLDQGIKVGLGTDVSAGHSCSILTTGRQAFAVSRHLAMRETDHAKLSVSECLFLATMGGAQVLRM
DETLGTFDVGKQFDAQMIDTNAPGSNVDMFHWQLKEKDQMQEQEQEQGQDPYKNPPLLTNEDIIAKWFFNGDDRNTTKVW
VAGQQVYQI
;
_entity_poly.pdbx_strand_id   A
#
# COMPACT_ATOMS: atom_id res chain seq x y z
N ASP A 13 -1.20 -23.84 9.49
CA ASP A 13 -2.07 -23.73 8.33
C ASP A 13 -3.53 -23.86 8.74
N LYS A 14 -4.34 -22.88 8.37
CA LYS A 14 -5.71 -22.77 8.85
C LYS A 14 -6.76 -23.13 7.80
N HIS A 15 -6.35 -23.52 6.60
CA HIS A 15 -7.31 -23.94 5.59
C HIS A 15 -8.10 -25.14 6.12
N GLY A 16 -9.43 -25.06 6.00
CA GLY A 16 -10.31 -26.11 6.49
C GLY A 16 -10.70 -25.98 7.95
N LYS A 17 -10.23 -24.97 8.65
CA LYS A 17 -10.56 -24.79 10.05
C LYS A 17 -11.38 -23.54 10.24
N PHE A 18 -12.53 -23.66 10.90
CA PHE A 18 -13.36 -22.49 11.15
C PHE A 18 -12.79 -21.71 12.34
N LEU A 19 -12.39 -20.46 12.09
CA LEU A 19 -11.83 -19.61 13.12
C LEU A 19 -12.88 -18.62 13.60
N VAL A 20 -12.80 -18.26 14.88
CA VAL A 20 -13.57 -17.13 15.38
C VAL A 20 -12.66 -16.29 16.28
N PHE A 21 -12.51 -15.02 15.92
CA PHE A 21 -11.70 -14.05 16.66
C PHE A 21 -12.64 -13.26 17.55
N PHE A 22 -12.30 -13.15 18.84
CA PHE A 22 -13.13 -12.44 19.79
C PHE A 22 -12.35 -11.31 20.44
N GLY A 23 -12.95 -10.14 20.47
CA GLY A 23 -12.35 -9.01 21.14
C GLY A 23 -12.86 -7.71 20.55
N THR A 24 -11.97 -6.72 20.53
CA THR A 24 -12.29 -5.40 20.00
C THR A 24 -11.77 -5.31 18.56
N PHE A 25 -12.63 -4.87 17.64
CA PHE A 25 -12.28 -4.68 16.24
C PHE A 25 -12.46 -3.22 15.86
N VAL A 26 -11.41 -2.64 15.27
CA VAL A 26 -11.38 -1.24 14.89
C VAL A 26 -11.16 -1.16 13.39
N ASP A 27 -11.99 -0.40 12.69
CA ASP A 27 -11.78 -0.19 11.26
C ASP A 27 -12.45 1.11 10.83
N THR A 28 -12.37 1.41 9.53
CA THR A 28 -12.83 2.69 8.99
C THR A 28 -13.66 2.40 7.75
N PRO A 29 -14.96 2.12 7.90
CA PRO A 29 -15.75 1.73 6.73
C PRO A 29 -16.04 2.89 5.79
N LYS A 30 -16.02 4.12 6.28
CA LYS A 30 -16.27 5.32 5.49
C LYS A 30 -15.30 6.41 5.93
N LEU A 31 -14.83 7.19 4.97
CA LEU A 31 -13.88 8.25 5.26
C LEU A 31 -14.40 9.15 6.37
N GLY A 32 -13.62 9.27 7.43
CA GLY A 32 -13.97 10.11 8.55
C GLY A 32 -14.62 9.36 9.70
N GLU A 33 -15.01 8.12 9.49
CA GLU A 33 -15.60 7.28 10.51
C GLU A 33 -14.51 6.43 11.13
N LEU A 34 -14.65 6.18 12.42
CA LEU A 34 -13.82 5.18 13.11
C LEU A 34 -14.76 4.26 13.85
N ARG A 35 -14.86 3.02 13.37
CA ARG A 35 -15.81 2.05 13.89
C ARG A 35 -15.08 1.17 14.89
N ILE A 36 -15.56 1.18 16.13
CA ILE A 36 -14.96 0.44 17.22
C ILE A 36 -16.02 -0.50 17.73
N ARG A 37 -15.78 -1.80 17.58
CA ARG A 37 -16.71 -2.86 17.99
C ARG A 37 -16.07 -3.68 19.09
N GLU A 38 -16.58 -3.54 20.31
CA GLU A 38 -16.10 -4.28 21.48
C GLU A 38 -16.85 -5.59 21.65
N LYS A 39 -16.18 -6.51 22.36
CA LYS A 39 -16.74 -7.82 22.69
C LYS A 39 -17.50 -8.42 21.50
N THR A 40 -16.81 -8.45 20.38
CA THR A 40 -17.35 -8.83 19.08
C THR A 40 -16.67 -10.11 18.61
N SER A 41 -17.43 -10.97 17.94
CA SER A 41 -16.91 -12.18 17.35
CA SER A 41 -16.91 -12.17 17.34
C SER A 41 -16.87 -12.04 15.83
N VAL A 42 -15.74 -12.38 15.23
CA VAL A 42 -15.55 -12.33 13.78
C VAL A 42 -15.20 -13.74 13.33
N GLY A 43 -16.10 -14.37 12.57
CA GLY A 43 -15.87 -15.72 12.08
C GLY A 43 -15.13 -15.67 10.75
N VAL A 44 -14.13 -16.53 10.61
CA VAL A 44 -13.25 -16.56 9.44
C VAL A 44 -13.05 -17.99 8.97
N LEU A 45 -13.21 -18.20 7.67
CA LEU A 45 -13.00 -19.51 7.08
C LEU A 45 -12.34 -19.39 5.72
N ASN A 46 -11.21 -20.08 5.56
CA ASN A 46 -10.43 -20.06 4.33
C ASN A 46 -10.21 -18.63 3.85
N GLY A 47 -9.82 -17.77 4.81
CA GLY A 47 -9.44 -16.41 4.54
C GLY A 47 -10.57 -15.40 4.45
N ILE A 48 -11.82 -15.85 4.51
CA ILE A 48 -12.96 -14.97 4.24
C ILE A 48 -13.78 -14.79 5.51
N ILE A 49 -14.08 -13.53 5.83
CA ILE A 49 -14.92 -13.21 6.99
C ILE A 49 -16.34 -13.66 6.70
N ARG A 50 -16.91 -14.45 7.62
CA ARG A 50 -18.23 -15.02 7.42
C ARG A 50 -19.32 -14.36 8.25
N PHE A 51 -18.98 -13.78 9.39
CA PHE A 51 -19.96 -13.07 10.20
C PHE A 51 -19.20 -12.16 11.14
N VAL A 52 -19.91 -11.14 11.63
CA VAL A 52 -19.40 -10.18 12.60
C VAL A 52 -20.55 -9.98 13.59
N ASN A 53 -20.37 -10.44 14.83
CA ASN A 53 -21.42 -10.41 15.84
C ASN A 53 -20.97 -9.52 17.01
N ARG A 54 -21.58 -8.34 17.13
CA ARG A 54 -21.33 -7.48 18.28
C ARG A 54 -21.98 -8.05 19.54
N ASN A 55 -21.34 -7.79 20.68
CA ASN A 55 -21.84 -8.26 21.97
C ASN A 55 -22.07 -9.76 21.95
N SER A 56 -21.08 -10.46 21.43
CA SER A 56 -21.11 -11.91 21.38
C SER A 56 -20.89 -12.49 22.77
N LEU A 57 -21.79 -13.35 23.20
CA LEU A 57 -21.64 -14.03 24.49
C LEU A 57 -21.02 -15.41 24.36
N ASP A 58 -20.96 -15.98 23.16
CA ASP A 58 -20.52 -17.37 23.00
C ASP A 58 -19.97 -17.52 21.59
N PRO A 59 -18.66 -17.27 21.42
CA PRO A 59 -18.10 -17.29 20.05
C PRO A 59 -18.25 -18.62 19.35
N VAL A 60 -18.15 -19.73 20.06
CA VAL A 60 -18.30 -21.02 19.43
C VAL A 60 -19.73 -21.18 18.92
N LYS A 61 -20.71 -20.85 19.76
CA LYS A 61 -22.09 -20.98 19.33
C LYS A 61 -22.40 -20.05 18.17
N ASP A 62 -21.78 -18.87 18.12
CA ASP A 62 -21.97 -18.01 16.96
C ASP A 62 -21.62 -18.75 15.67
N CYS A 63 -20.54 -19.54 15.71
CA CYS A 63 -20.13 -20.30 14.51
C CYS A 63 -21.13 -21.39 14.19
N LEU A 64 -21.61 -22.08 15.22
CA LEU A 64 -22.56 -23.18 15.00
C LEU A 64 -23.90 -22.66 14.52
N ASP A 65 -24.33 -21.48 15.02
CA ASP A 65 -25.53 -20.83 14.51
C ASP A 65 -25.36 -20.43 13.05
N HIS A 66 -24.16 -20.00 12.67
CA HIS A 66 -23.91 -19.57 11.31
C HIS A 66 -23.92 -20.73 10.31
N ASP A 67 -23.51 -21.92 10.73
CA ASP A 67 -23.34 -23.05 9.80
C ASP A 67 -23.68 -24.35 10.51
N SER A 68 -24.87 -24.91 10.15
CA SER A 68 -25.38 -26.18 10.68
C SER A 68 -24.41 -27.34 10.57
N SER A 69 -23.52 -27.29 9.57
CA SER A 69 -22.55 -28.33 9.24
C SER A 69 -21.43 -28.44 10.27
N LEU A 70 -21.23 -27.42 11.10
CA LEU A 70 -20.10 -27.38 12.02
C LEU A 70 -20.43 -28.07 13.33
N SER A 71 -19.38 -28.57 13.97
CA SER A 71 -19.40 -29.09 15.34
C SER A 71 -18.39 -28.29 16.14
N PRO A 72 -18.51 -28.27 17.48
CA PRO A 72 -17.54 -27.49 18.27
C PRO A 72 -16.10 -27.88 18.00
N GLU A 73 -15.86 -29.15 17.72
CA GLU A 73 -14.55 -29.60 17.30
C GLU A 73 -14.00 -28.80 16.12
N ASP A 74 -14.87 -28.28 15.27
CA ASP A 74 -14.40 -27.65 14.05
C ASP A 74 -13.98 -26.20 14.27
N VAL A 75 -14.18 -25.64 15.46
CA VAL A 75 -14.04 -24.21 15.72
C VAL A 75 -12.79 -23.95 16.54
N THR A 76 -11.98 -22.98 16.12
CA THR A 76 -10.83 -22.50 16.87
C THR A 76 -11.09 -21.09 17.35
N VAL A 77 -11.20 -20.90 18.67
CA VAL A 77 -11.41 -19.57 19.23
C VAL A 77 -10.06 -18.89 19.37
N VAL A 78 -9.98 -17.65 18.91
CA VAL A 78 -8.81 -16.80 19.10
C VAL A 78 -9.26 -15.61 19.94
N ASP A 79 -8.73 -15.52 21.17
CA ASP A 79 -9.09 -14.47 22.11
C ASP A 79 -8.06 -13.35 22.08
N ILE A 80 -8.50 -12.13 21.77
CA ILE A 80 -7.65 -10.93 21.78
C ILE A 80 -6.32 -11.09 22.53
N ASN A 88 -7.85 -5.86 27.13
CA ASN A 88 -8.37 -4.54 27.46
C ASN A 88 -7.62 -3.43 26.70
N ASN A 89 -6.31 -3.63 26.52
CA ASN A 89 -5.48 -2.65 25.82
C ASN A 89 -5.12 -3.13 24.41
N SER A 90 -5.90 -4.04 23.84
CA SER A 90 -5.56 -4.67 22.57
C SER A 90 -6.76 -4.64 21.64
N PHE A 91 -6.50 -4.58 20.34
CA PHE A 91 -7.58 -4.57 19.37
C PHE A 91 -7.04 -5.09 18.05
N TYR A 92 -7.95 -5.63 17.25
CA TYR A 92 -7.63 -5.95 15.87
C TYR A 92 -7.87 -4.71 15.02
N PHE A 93 -7.03 -4.53 14.01
CA PHE A 93 -7.12 -3.45 13.03
C PHE A 93 -6.80 -4.09 11.68
N PRO A 94 -7.40 -3.60 10.59
CA PRO A 94 -7.07 -4.18 9.29
C PRO A 94 -5.60 -4.02 8.97
N GLY A 95 -5.11 -4.91 8.11
CA GLY A 95 -3.78 -4.74 7.57
C GLY A 95 -3.67 -3.43 6.82
N PHE A 96 -2.51 -2.79 6.95
CA PHE A 96 -2.21 -1.61 6.15
C PHE A 96 -1.98 -1.99 4.68
N VAL A 97 -2.33 -1.05 3.79
CA VAL A 97 -2.09 -1.17 2.35
C VAL A 97 -1.06 -0.11 1.95
N ASP A 98 0.07 -0.58 1.41
CA ASP A 98 1.16 0.28 0.94
C ASP A 98 1.03 0.33 -0.57
N THR A 99 0.49 1.43 -1.08
CA THR A 99 0.21 1.45 -2.51
C THR A 99 1.43 1.81 -3.37
N HIS A 100 2.61 2.01 -2.80
CA HIS A 100 3.76 2.41 -3.61
C HIS A 100 5.06 2.21 -2.81
N ASN A 101 5.86 1.23 -3.23
CA ASN A 101 7.07 0.85 -2.49
C ASN A 101 8.09 0.30 -3.46
N HIS A 102 9.26 0.94 -3.56
CA HIS A 102 10.33 0.41 -4.43
C HIS A 102 11.21 -0.48 -3.57
N VAL A 103 10.85 -1.77 -3.48
CA VAL A 103 11.56 -2.69 -2.62
C VAL A 103 13.04 -2.72 -2.96
N SER A 104 13.38 -2.60 -4.24
CA SER A 104 14.76 -2.66 -4.67
C SER A 104 15.62 -1.53 -4.11
N GLN A 105 15.01 -0.43 -3.67
CA GLN A 105 15.74 0.73 -3.18
C GLN A 105 15.97 0.69 -1.68
N TYR A 106 15.43 -0.32 -1.00
CA TYR A 106 15.49 -0.35 0.46
C TYR A 106 16.89 -0.15 1.04
N PRO A 107 17.98 -0.66 0.44
CA PRO A 107 19.30 -0.39 1.03
C PRO A 107 19.60 1.10 1.23
N ASN A 108 18.89 1.99 0.53
CA ASN A 108 19.15 3.42 0.62
C ASN A 108 18.19 4.19 1.53
N VAL A 109 17.37 3.51 2.32
CA VAL A 109 16.48 4.28 3.20
C VAL A 109 17.33 5.15 4.11
N GLY A 110 16.91 6.41 4.26
CA GLY A 110 17.66 7.38 5.03
C GLY A 110 18.81 8.04 4.32
N VAL A 111 19.12 7.60 3.10
CA VAL A 111 20.33 8.00 2.38
C VAL A 111 19.87 8.81 1.17
N PHE A 112 19.99 10.14 1.27
CA PHE A 112 19.63 11.02 0.16
C PHE A 112 20.19 12.43 0.31
N GLY A 113 20.70 12.77 1.48
CA GLY A 113 21.36 14.05 1.61
C GLY A 113 20.43 15.21 1.32
N ASN A 114 20.96 16.22 0.61
CA ASN A 114 20.25 17.44 0.23
C ASN A 114 19.51 17.32 -1.11
N SER A 115 19.48 16.13 -1.70
CA SER A 115 19.08 15.99 -3.08
C SER A 115 17.56 16.09 -3.24
N THR A 116 17.14 16.54 -4.42
CA THR A 116 15.74 16.47 -4.87
C THR A 116 15.66 15.40 -5.96
N LEU A 117 14.45 15.20 -6.50
CA LEU A 117 14.15 13.98 -7.26
C LEU A 117 15.21 13.62 -8.29
N LEU A 118 15.47 14.50 -9.25
CA LEU A 118 16.25 14.05 -10.41
C LEU A 118 17.70 13.76 -10.04
N ASP A 119 18.29 14.53 -9.13
CA ASP A 119 19.63 14.21 -8.65
C ASP A 119 19.63 12.93 -7.85
N TRP A 120 18.60 12.73 -7.04
CA TRP A 120 18.50 11.52 -6.23
C TRP A 120 18.43 10.28 -7.11
N LEU A 121 17.68 10.36 -8.22
CA LEU A 121 17.61 9.23 -9.13
C LEU A 121 18.99 8.87 -9.65
N GLU A 122 19.77 9.87 -10.04
CA GLU A 122 21.06 9.64 -10.68
C GLU A 122 22.09 9.17 -9.67
N LYS A 123 22.05 9.74 -8.46
CA LYS A 123 23.10 9.49 -7.48
C LYS A 123 22.90 8.19 -6.70
N TYR A 124 21.65 7.87 -6.36
CA TYR A 124 21.35 6.77 -5.45
C TYR A 124 20.55 5.66 -6.10
N THR A 125 19.51 6.01 -6.85
CA THR A 125 18.50 5.01 -7.24
C THR A 125 18.94 4.15 -8.40
N PHE A 126 19.41 4.72 -9.51
CA PHE A 126 19.84 3.84 -10.60
C PHE A 126 21.01 2.98 -10.15
N PRO A 127 21.96 3.48 -9.37
CA PRO A 127 23.04 2.60 -8.88
C PRO A 127 22.52 1.41 -8.06
N ILE A 128 21.61 1.62 -7.11
CA ILE A 128 21.17 0.50 -6.28
C ILE A 128 20.30 -0.46 -7.07
N GLU A 129 19.43 0.06 -7.93
CA GLU A 129 18.58 -0.86 -8.69
C GLU A 129 19.44 -1.73 -9.61
N ALA A 130 20.46 -1.14 -10.22
CA ALA A 130 21.33 -1.93 -11.09
C ALA A 130 22.03 -3.03 -10.29
N ALA A 131 22.42 -2.72 -9.05
CA ALA A 131 23.15 -3.67 -8.21
C ALA A 131 22.31 -4.89 -7.90
N LEU A 132 20.99 -4.75 -7.89
CA LEU A 132 20.12 -5.87 -7.58
C LEU A 132 19.97 -6.84 -8.74
N ALA A 133 20.65 -6.61 -9.86
CA ALA A 133 20.74 -7.67 -10.85
C ALA A 133 21.47 -8.90 -10.29
N ASN A 134 22.28 -8.71 -9.24
CA ASN A 134 22.90 -9.82 -8.52
C ASN A 134 21.83 -10.51 -7.67
N GLU A 135 21.51 -11.76 -8.03
CA GLU A 135 20.43 -12.48 -7.37
C GLU A 135 20.69 -12.66 -5.88
N ASN A 136 21.97 -12.80 -5.49
CA ASN A 136 22.28 -12.95 -4.07
C ASN A 136 21.90 -11.70 -3.27
N ILE A 137 22.20 -10.52 -3.80
CA ILE A 137 21.80 -9.27 -3.15
C ILE A 137 20.29 -9.13 -3.15
N ALA A 138 19.65 -9.35 -4.31
CA ALA A 138 18.21 -9.17 -4.42
C ALA A 138 17.47 -10.07 -3.43
N ARG A 139 17.89 -11.34 -3.32
CA ARG A 139 17.22 -12.25 -2.42
C ARG A 139 17.26 -11.75 -0.99
N GLU A 140 18.43 -11.22 -0.57
CA GLU A 140 18.54 -10.67 0.78
C GLU A 140 17.61 -9.47 0.96
N VAL A 141 17.58 -8.58 -0.02
CA VAL A 141 16.75 -7.38 0.10
C VAL A 141 15.28 -7.76 0.14
N TYR A 142 14.85 -8.68 -0.72
CA TYR A 142 13.44 -9.01 -0.77
C TYR A 142 12.99 -9.67 0.54
N ASN A 143 13.78 -10.62 1.04
CA ASN A 143 13.44 -11.25 2.32
C ASN A 143 13.34 -10.22 3.43
N LYS A 144 14.26 -9.26 3.44
CA LYS A 144 14.22 -8.23 4.48
C LYS A 144 12.98 -7.33 4.35
N VAL A 145 12.65 -6.89 3.13
CA VAL A 145 11.57 -5.92 3.00
C VAL A 145 10.21 -6.56 3.22
N ILE A 146 10.00 -7.76 2.69
CA ILE A 146 8.72 -8.42 2.91
C ILE A 146 8.53 -8.66 4.41
N SER A 147 9.57 -9.13 5.08
CA SER A 147 9.42 -9.42 6.52
CA SER A 147 9.44 -9.42 6.52
C SER A 147 9.28 -8.13 7.31
N LYS A 148 10.01 -7.08 6.93
CA LYS A 148 9.93 -5.84 7.68
C LYS A 148 8.58 -5.17 7.50
N THR A 149 8.10 -5.05 6.25
CA THR A 149 6.79 -4.45 6.05
C THR A 149 5.68 -5.24 6.79
N LEU A 150 5.71 -6.57 6.71
CA LEU A 150 4.76 -7.36 7.48
C LEU A 150 4.84 -7.02 8.97
N SER A 151 6.06 -6.85 9.49
CA SER A 151 6.21 -6.62 10.93
C SER A 151 5.64 -5.26 11.33
N HIS A 152 5.52 -4.33 10.39
CA HIS A 152 4.84 -3.06 10.62
C HIS A 152 3.35 -3.11 10.28
N GLY A 153 2.80 -4.29 9.95
CA GLY A 153 1.38 -4.42 9.69
C GLY A 153 0.95 -4.24 8.26
N THR A 154 1.88 -4.08 7.32
CA THR A 154 1.50 -3.97 5.91
C THR A 154 1.20 -5.36 5.34
N THR A 155 -0.06 -5.60 5.01
CA THR A 155 -0.53 -6.87 4.47
C THR A 155 -0.61 -6.89 2.95
N THR A 156 -0.80 -5.73 2.32
CA THR A 156 -0.90 -5.62 0.87
C THR A 156 0.06 -4.53 0.42
N VAL A 157 0.85 -4.81 -0.61
CA VAL A 157 1.80 -3.79 -1.10
C VAL A 157 1.98 -3.90 -2.60
N ALA A 158 2.05 -2.74 -3.24
CA ALA A 158 2.39 -2.62 -4.65
C ALA A 158 3.87 -2.28 -4.73
N TYR A 159 4.66 -3.22 -5.21
CA TYR A 159 6.10 -3.12 -5.30
C TYR A 159 6.55 -2.73 -6.70
N TYR A 160 7.42 -1.73 -6.78
CA TYR A 160 8.26 -1.53 -7.95
C TYR A 160 9.56 -2.27 -7.69
N ASN A 161 10.03 -3.07 -8.64
CA ASN A 161 11.32 -3.71 -8.47
C ASN A 161 12.38 -2.99 -9.29
N THR A 162 12.88 -3.65 -10.33
CA THR A 162 13.89 -3.09 -11.21
C THR A 162 13.55 -3.49 -12.63
N ILE A 163 14.41 -3.13 -13.59
CA ILE A 163 14.19 -3.55 -14.95
C ILE A 163 14.51 -5.02 -15.18
N ASP A 164 15.07 -5.71 -14.18
CA ASP A 164 15.56 -7.08 -14.37
C ASP A 164 14.42 -8.09 -14.28
N LEU A 165 14.25 -8.89 -15.34
CA LEU A 165 13.21 -9.92 -15.35
C LEU A 165 13.43 -10.93 -14.25
N LYS A 166 14.65 -11.47 -14.15
CA LYS A 166 14.85 -12.60 -13.23
C LYS A 166 14.64 -12.19 -11.78
N SER A 167 15.13 -11.01 -11.37
N SER A 167 15.15 -11.02 -11.37
CA SER A 167 14.96 -10.59 -9.99
CA SER A 167 14.96 -10.60 -9.99
C SER A 167 13.51 -10.26 -9.69
C SER A 167 13.50 -10.30 -9.69
N THR A 168 12.76 -9.77 -10.68
CA THR A 168 11.34 -9.51 -10.45
C THR A 168 10.60 -10.83 -10.23
N LYS A 169 10.96 -11.87 -10.99
CA LYS A 169 10.37 -13.19 -10.76
C LYS A 169 10.69 -13.70 -9.36
N LEU A 170 11.92 -13.53 -8.90
CA LEU A 170 12.29 -13.92 -7.54
C LEU A 170 11.46 -13.19 -6.50
N LEU A 171 11.28 -11.88 -6.67
CA LEU A 171 10.45 -11.13 -5.74
C LEU A 171 9.05 -11.69 -5.66
N ALA A 172 8.47 -12.04 -6.81
CA ALA A 172 7.13 -12.63 -6.81
C ALA A 172 7.12 -13.99 -6.13
N GLN A 173 8.16 -14.80 -6.37
CA GLN A 173 8.28 -16.11 -5.74
CA GLN A 173 8.23 -16.11 -5.73
C GLN A 173 8.33 -15.98 -4.22
N LEU A 174 9.19 -15.07 -3.73
CA LEU A 174 9.36 -14.92 -2.29
C LEU A 174 8.11 -14.33 -1.64
N SER A 175 7.40 -13.46 -2.36
CA SER A 175 6.15 -12.92 -1.85
C SER A 175 5.13 -14.04 -1.63
N SER A 176 5.00 -14.92 -2.62
CA SER A 176 4.11 -16.08 -2.49
C SER A 176 4.49 -16.94 -1.30
N LEU A 177 5.79 -17.21 -1.15
CA LEU A 177 6.28 -18.06 -0.07
C LEU A 177 6.00 -17.45 1.30
N LEU A 178 6.22 -16.15 1.45
CA LEU A 178 6.11 -15.50 2.76
C LEU A 178 4.70 -15.05 3.12
N GLY A 179 3.75 -15.06 2.19
CA GLY A 179 2.36 -14.89 2.52
C GLY A 179 1.81 -13.48 2.47
N GLN A 180 2.60 -12.52 2.02
CA GLN A 180 2.14 -11.13 1.84
C GLN A 180 1.32 -11.02 0.56
N ARG A 181 0.33 -10.16 0.59
CA ARG A 181 -0.47 -9.86 -0.60
C ARG A 181 0.26 -8.77 -1.40
N VAL A 182 0.56 -9.05 -2.67
CA VAL A 182 1.38 -8.13 -3.41
C VAL A 182 0.92 -7.92 -4.84
N LEU A 183 1.33 -6.79 -5.40
CA LEU A 183 1.40 -6.56 -6.83
C LEU A 183 2.87 -6.30 -7.14
N VAL A 184 3.44 -7.05 -8.09
CA VAL A 184 4.88 -7.02 -8.32
C VAL A 184 5.13 -6.53 -9.75
N GLY A 185 5.88 -5.44 -9.88
CA GLY A 185 6.15 -4.84 -11.17
C GLY A 185 7.61 -4.91 -11.57
N LYS A 186 7.83 -5.33 -12.82
CA LYS A 186 9.10 -5.09 -13.50
C LYS A 186 9.11 -3.67 -14.05
N VAL A 187 10.10 -2.88 -13.67
CA VAL A 187 10.16 -1.50 -14.11
C VAL A 187 10.52 -1.46 -15.59
N CYS A 188 9.90 -0.54 -16.31
CA CYS A 188 10.16 -0.35 -17.74
C CYS A 188 10.87 0.98 -17.95
N MET A 189 12.04 0.93 -18.58
CA MET A 189 12.79 2.13 -18.96
C MET A 189 13.47 1.87 -20.30
N ASP A 190 13.10 2.60 -21.36
CA ASP A 190 13.82 2.47 -22.61
C ASP A 190 14.40 3.80 -23.09
N THR A 191 14.24 4.87 -22.30
CA THR A 191 14.77 6.18 -22.66
C THR A 191 15.33 6.87 -21.42
N ASN A 192 16.35 7.71 -21.65
CA ASN A 192 16.86 8.67 -20.67
C ASN A 192 17.36 8.02 -19.39
N GLY A 193 17.97 6.86 -19.53
CA GLY A 193 18.62 6.23 -18.41
C GLY A 193 20.09 6.07 -18.71
N PRO A 194 20.90 5.80 -17.70
CA PRO A 194 22.30 5.47 -17.96
C PRO A 194 22.41 4.21 -18.80
N GLU A 195 23.50 4.12 -19.56
CA GLU A 195 23.76 2.95 -20.38
C GLU A 195 23.79 1.66 -19.55
N TYR A 196 24.28 1.72 -18.31
CA TYR A 196 24.34 0.53 -17.45
C TYR A 196 22.97 0.13 -16.89
N TYR A 197 21.93 0.93 -17.09
CA TYR A 197 20.64 0.68 -16.44
C TYR A 197 19.53 1.24 -17.34
N ILE A 198 19.33 0.54 -18.46
CA ILE A 198 18.33 0.93 -19.46
C ILE A 198 18.01 -0.31 -20.28
N GLU A 199 16.81 -0.33 -20.86
CA GLU A 199 16.37 -1.39 -21.75
C GLU A 199 16.19 -0.87 -23.17
N ASP A 200 16.21 -1.77 -24.16
CA ASP A 200 15.65 -1.38 -25.44
C ASP A 200 14.14 -1.60 -25.41
N THR A 201 13.44 -0.97 -26.35
CA THR A 201 11.97 -1.01 -26.34
C THR A 201 11.44 -2.44 -26.39
N LYS A 202 11.96 -3.24 -27.30
CA LYS A 202 11.42 -4.59 -27.49
C LYS A 202 11.64 -5.42 -26.24
N THR A 203 12.81 -5.30 -25.61
CA THR A 203 13.09 -6.04 -24.39
C THR A 203 12.19 -5.58 -23.26
N SER A 204 11.99 -4.27 -23.15
CA SER A 204 11.17 -3.74 -22.06
C SER A 204 9.75 -4.28 -22.17
N PHE A 205 9.20 -4.30 -23.39
CA PHE A 205 7.85 -4.81 -23.58
C PHE A 205 7.79 -6.32 -23.38
N GLU A 206 8.67 -7.06 -24.07
CA GLU A 206 8.60 -8.51 -24.04
C GLU A 206 8.88 -9.05 -22.65
N SER A 207 9.76 -8.41 -21.89
N SER A 207 9.77 -8.40 -21.90
CA SER A 207 10.00 -8.88 -20.53
CA SER A 207 10.03 -8.83 -20.53
C SER A 207 8.84 -8.56 -19.61
C SER A 207 8.82 -8.58 -19.65
N THR A 208 8.05 -7.53 -19.93
CA THR A 208 6.82 -7.30 -19.20
C THR A 208 5.80 -8.39 -19.52
N VAL A 209 5.69 -8.78 -20.79
CA VAL A 209 4.78 -9.88 -21.12
C VAL A 209 5.16 -11.13 -20.35
N LYS A 210 6.47 -11.44 -20.30
CA LYS A 210 6.94 -12.63 -19.61
C LYS A 210 6.64 -12.57 -18.12
N VAL A 211 6.86 -11.41 -17.48
CA VAL A 211 6.67 -11.39 -16.04
C VAL A 211 5.19 -11.52 -15.70
N VAL A 212 4.32 -10.94 -16.53
CA VAL A 212 2.88 -11.06 -16.31
C VAL A 212 2.46 -12.53 -16.44
N LYS A 213 2.93 -13.21 -17.48
CA LYS A 213 2.61 -14.62 -17.66
C LYS A 213 3.17 -15.46 -16.53
N TYR A 214 4.42 -15.19 -16.14
CA TYR A 214 5.03 -15.98 -15.07
C TYR A 214 4.26 -15.83 -13.77
N ILE A 215 3.90 -14.60 -13.40
CA ILE A 215 3.15 -14.41 -12.16
C ILE A 215 1.80 -15.09 -12.26
N ARG A 216 1.10 -14.92 -13.39
CA ARG A 216 -0.26 -15.44 -13.44
C ARG A 216 -0.31 -16.94 -13.62
N GLU A 217 0.59 -17.48 -14.44
CA GLU A 217 0.49 -18.88 -14.85
C GLU A 217 1.45 -19.79 -14.09
N THR A 218 2.61 -19.30 -13.67
CA THR A 218 3.55 -20.13 -12.94
C THR A 218 3.43 -19.95 -11.44
N ILE A 219 3.60 -18.73 -10.93
CA ILE A 219 3.39 -18.51 -9.51
C ILE A 219 1.96 -18.89 -9.11
N CYS A 220 0.98 -18.41 -9.88
CA CYS A 220 -0.41 -18.84 -9.80
C CYS A 220 -0.94 -18.85 -8.37
N ASP A 221 -0.93 -17.68 -7.77
CA ASP A 221 -1.24 -17.50 -6.35
C ASP A 221 -2.19 -16.32 -6.28
N PRO A 222 -3.38 -16.47 -5.69
CA PRO A 222 -4.33 -15.35 -5.62
C PRO A 222 -3.79 -14.15 -4.87
N LEU A 223 -2.77 -14.34 -4.03
CA LEU A 223 -2.19 -13.22 -3.30
C LEU A 223 -1.14 -12.44 -4.10
N VAL A 224 -0.73 -12.93 -5.26
CA VAL A 224 0.38 -12.34 -6.00
C VAL A 224 -0.11 -11.97 -7.39
N ASN A 225 -0.16 -10.67 -7.67
CA ASN A 225 -0.63 -10.16 -8.95
C ASN A 225 0.45 -9.43 -9.70
N PRO A 226 0.40 -9.42 -11.04
CA PRO A 226 1.30 -8.58 -11.82
C PRO A 226 0.79 -7.14 -11.87
N ILE A 227 1.66 -6.25 -12.30
CA ILE A 227 1.32 -4.85 -12.50
C ILE A 227 2.33 -4.25 -13.45
N VAL A 228 1.82 -3.63 -14.51
CA VAL A 228 2.65 -3.03 -15.56
C VAL A 228 3.19 -1.73 -15.02
N THR A 229 4.49 -1.52 -15.17
CA THR A 229 5.19 -0.48 -14.42
C THR A 229 6.10 0.35 -15.32
N PRO A 230 5.52 1.23 -16.14
CA PRO A 230 6.34 2.26 -16.78
C PRO A 230 6.88 3.17 -15.69
N ARG A 231 8.20 3.36 -15.63
CA ARG A 231 8.75 4.04 -14.47
C ARG A 231 8.13 5.43 -14.29
N PHE A 232 8.14 6.22 -15.37
CA PHE A 232 7.56 7.56 -15.44
C PHE A 232 7.83 8.01 -16.87
N ALA A 233 7.13 9.07 -17.30
CA ALA A 233 7.14 9.42 -18.72
C ALA A 233 8.53 9.65 -19.27
N PRO A 234 9.45 10.34 -18.59
CA PRO A 234 10.80 10.51 -19.15
C PRO A 234 11.53 9.22 -19.46
N SER A 235 11.13 8.11 -18.86
CA SER A 235 11.81 6.84 -19.04
C SER A 235 11.24 5.98 -20.15
N CYS A 236 10.07 6.34 -20.71
CA CYS A 236 9.33 5.43 -21.58
C CYS A 236 9.01 6.13 -22.88
N SER A 237 9.41 5.52 -23.99
CA SER A 237 9.08 6.03 -25.30
C SER A 237 7.59 5.95 -25.56
N ARG A 238 7.14 6.74 -26.53
CA ARG A 238 5.76 6.65 -26.98
C ARG A 238 5.42 5.25 -27.47
N GLU A 239 6.35 4.64 -28.21
CA GLU A 239 6.13 3.29 -28.70
C GLU A 239 5.99 2.30 -27.55
N LEU A 240 6.84 2.40 -26.54
CA LEU A 240 6.72 1.50 -25.41
C LEU A 240 5.39 1.70 -24.67
N MET A 241 5.01 2.95 -24.41
CA MET A 241 3.77 3.18 -23.67
C MET A 241 2.57 2.62 -24.43
N GLN A 242 2.53 2.80 -25.75
CA GLN A 242 1.41 2.29 -26.54
C GLN A 242 1.38 0.76 -26.54
N GLN A 243 2.54 0.12 -26.63
CA GLN A 243 2.59 -1.35 -26.57
C GLN A 243 2.12 -1.84 -25.21
N LEU A 244 2.58 -1.19 -24.14
CA LEU A 244 2.15 -1.57 -22.81
C LEU A 244 0.65 -1.34 -22.63
N SER A 245 0.14 -0.21 -23.13
N SER A 245 0.11 -0.26 -23.19
CA SER A 245 -1.29 0.07 -23.08
CA SER A 245 -1.31 0.03 -23.00
C SER A 245 -2.10 -1.11 -23.61
C SER A 245 -2.21 -1.00 -23.69
N LYS A 246 -1.76 -1.57 -24.81
CA LYS A 246 -2.54 -2.63 -25.45
C LYS A 246 -2.51 -3.89 -24.61
N LEU A 247 -1.34 -4.22 -24.04
CA LEU A 247 -1.24 -5.37 -23.16
C LEU A 247 -2.13 -5.21 -21.94
N VAL A 248 -2.06 -4.03 -21.31
CA VAL A 248 -2.89 -3.73 -20.15
C VAL A 248 -4.37 -3.93 -20.47
N LYS A 249 -4.81 -3.40 -21.61
CA LYS A 249 -6.21 -3.54 -21.98
C LYS A 249 -6.57 -4.99 -22.28
N ASP A 250 -5.74 -5.68 -23.07
CA ASP A 250 -6.09 -7.03 -23.52
C ASP A 250 -6.08 -8.02 -22.36
N GLU A 251 -5.18 -7.83 -21.39
CA GLU A 251 -5.01 -8.78 -20.31
C GLU A 251 -5.55 -8.26 -18.99
N ASN A 252 -6.16 -7.07 -18.99
CA ASN A 252 -6.80 -6.50 -17.81
C ASN A 252 -5.84 -6.48 -16.61
N ILE A 253 -4.79 -5.70 -16.75
CA ILE A 253 -3.73 -5.67 -15.75
C ILE A 253 -3.72 -4.31 -15.06
N HIS A 254 -3.34 -4.32 -13.78
CA HIS A 254 -3.01 -3.10 -13.07
C HIS A 254 -1.84 -2.39 -13.75
N VAL A 255 -1.79 -1.07 -13.55
CA VAL A 255 -0.72 -0.19 -13.98
C VAL A 255 -0.30 0.66 -12.80
N GLN A 256 1.01 0.93 -12.69
CA GLN A 256 1.50 1.90 -11.72
C GLN A 256 2.59 2.74 -12.35
N THR A 257 2.56 4.05 -12.07
CA THR A 257 3.62 4.94 -12.52
C THR A 257 3.60 6.19 -11.64
N HIS A 258 4.64 7.00 -11.79
CA HIS A 258 4.76 8.26 -11.06
C HIS A 258 4.08 9.38 -11.85
N LEU A 259 3.52 10.36 -11.14
CA LEU A 259 2.95 11.50 -11.84
C LEU A 259 3.07 12.79 -11.05
N SER A 260 3.63 13.82 -11.70
CA SER A 260 3.57 15.20 -11.19
CA SER A 260 3.59 15.20 -11.20
C SER A 260 4.16 15.32 -9.79
N GLU A 261 5.39 14.84 -9.63
CA GLU A 261 6.05 14.82 -8.32
C GLU A 261 6.88 16.08 -8.08
N ASN A 262 7.64 16.50 -9.07
CA ASN A 262 8.71 17.47 -8.88
C ASN A 262 8.70 18.46 -10.03
N LYS A 263 8.98 19.73 -9.71
CA LYS A 263 8.83 20.79 -10.72
C LYS A 263 9.81 20.61 -11.88
N GLU A 264 11.06 20.20 -11.62
CA GLU A 264 11.99 19.99 -12.72
C GLU A 264 11.57 18.78 -13.56
N GLU A 265 11.03 17.75 -12.90
CA GLU A 265 10.49 16.59 -13.61
C GLU A 265 9.36 17.01 -14.53
N ILE A 266 8.45 17.84 -14.02
CA ILE A 266 7.31 18.28 -14.82
C ILE A 266 7.78 19.11 -16.03
N GLN A 267 8.76 19.98 -15.83
CA GLN A 267 9.28 20.75 -16.94
C GLN A 267 9.90 19.82 -17.97
N TRP A 268 10.62 18.81 -17.52
CA TRP A 268 11.25 17.85 -18.41
C TRP A 268 10.19 17.12 -19.23
N VAL A 269 9.11 16.69 -18.58
CA VAL A 269 8.04 16.01 -19.31
C VAL A 269 7.45 16.93 -20.36
N GLN A 270 7.23 18.19 -20.02
CA GLN A 270 6.69 19.11 -21.01
C GLN A 270 7.65 19.25 -22.18
N ASP A 271 8.97 19.32 -21.90
CA ASP A 271 9.94 19.44 -22.98
C ASP A 271 10.01 18.17 -23.82
N LEU A 272 9.85 17.00 -23.20
CA LEU A 272 9.90 15.73 -23.91
C LEU A 272 8.63 15.39 -24.68
N PHE A 273 7.48 15.87 -24.23
CA PHE A 273 6.19 15.54 -24.84
C PHE A 273 5.41 16.81 -25.13
N PRO A 274 5.95 17.70 -25.95
CA PRO A 274 5.26 18.99 -26.20
C PRO A 274 4.00 18.86 -27.05
N GLU A 275 3.76 17.70 -27.65
CA GLU A 275 2.50 17.46 -28.37
C GLU A 275 1.33 17.20 -27.43
N CYS A 276 1.58 17.02 -26.13
CA CYS A 276 0.56 16.76 -25.12
C CYS A 276 0.32 18.01 -24.29
N GLU A 277 -0.83 18.05 -23.60
CA GLU A 277 -1.27 19.24 -22.89
C GLU A 277 -0.68 19.35 -21.50
N SER A 278 -0.19 18.24 -20.96
CA SER A 278 0.18 18.14 -19.55
C SER A 278 0.85 16.79 -19.38
N TYR A 279 1.45 16.60 -18.21
CA TYR A 279 2.02 15.32 -17.83
C TYR A 279 0.95 14.23 -17.82
N THR A 280 -0.18 14.55 -17.22
CA THR A 280 -1.27 13.58 -17.16
C THR A 280 -1.73 13.21 -18.57
N ASP A 281 -1.78 14.20 -19.46
CA ASP A 281 -2.19 13.96 -20.84
C ASP A 281 -1.22 13.03 -21.58
N VAL A 282 0.07 13.02 -21.19
CA VAL A 282 0.97 12.05 -21.79
C VAL A 282 0.47 10.63 -21.53
N TYR A 283 0.22 10.32 -20.26
CA TYR A 283 -0.25 8.97 -19.95
C TYR A 283 -1.59 8.71 -20.60
N ASP A 284 -2.46 9.72 -20.65
CA ASP A 284 -3.79 9.54 -21.22
C ASP A 284 -3.70 9.22 -22.71
N LYS A 285 -2.95 10.03 -23.44
CA LYS A 285 -2.88 9.90 -24.90
C LYS A 285 -2.22 8.59 -25.31
N TYR A 286 -1.26 8.11 -24.54
CA TYR A 286 -0.57 6.88 -24.88
C TYR A 286 -1.17 5.68 -24.14
N GLY A 287 -2.33 5.86 -23.50
CA GLY A 287 -3.24 4.78 -23.16
C GLY A 287 -3.07 4.13 -21.80
N LEU A 288 -2.35 4.76 -20.88
CA LEU A 288 -2.02 4.13 -19.62
C LEU A 288 -2.93 4.51 -18.46
N LEU A 289 -3.91 5.39 -18.67
CA LEU A 289 -4.82 5.80 -17.60
C LEU A 289 -6.07 4.95 -17.66
N THR A 290 -6.23 4.09 -16.65
CA THR A 290 -7.31 3.13 -16.56
C THR A 290 -7.83 3.09 -15.13
N GLU A 291 -8.93 2.35 -14.94
CA GLU A 291 -9.51 2.22 -13.61
C GLU A 291 -8.57 1.50 -12.65
N LYS A 292 -7.56 0.79 -13.15
CA LYS A 292 -6.62 0.08 -12.30
C LYS A 292 -5.22 0.66 -12.37
N THR A 293 -5.13 1.94 -12.71
CA THR A 293 -3.86 2.65 -12.75
C THR A 293 -3.64 3.36 -11.42
N VAL A 294 -2.47 3.12 -10.82
CA VAL A 294 -2.06 3.69 -9.56
C VAL A 294 -1.02 4.79 -9.85
N LEU A 295 -1.38 6.04 -9.55
CA LEU A 295 -0.55 7.20 -9.87
C LEU A 295 0.08 7.71 -8.58
N ALA A 296 1.41 7.61 -8.50
CA ALA A 296 2.13 8.04 -7.31
C ALA A 296 2.39 9.54 -7.33
N HIS A 297 2.19 10.15 -6.15
CA HIS A 297 2.56 11.53 -5.81
C HIS A 297 1.48 12.54 -6.16
N CYS A 298 1.29 12.85 -7.43
CA CYS A 298 0.20 13.70 -7.89
C CYS A 298 0.13 15.01 -7.11
N ILE A 299 1.26 15.70 -7.03
CA ILE A 299 1.34 16.92 -6.24
C ILE A 299 0.91 18.15 -7.04
N HIS A 300 1.50 18.36 -8.22
CA HIS A 300 1.45 19.63 -8.93
C HIS A 300 0.39 19.65 -10.02
N LEU A 301 -0.63 18.81 -9.89
CA LEU A 301 -1.65 18.70 -10.92
C LEU A 301 -2.40 20.01 -11.13
N THR A 302 -2.66 20.33 -12.40
CA THR A 302 -3.65 21.35 -12.73
C THR A 302 -5.05 20.80 -12.47
N ASP A 303 -6.05 21.70 -12.45
CA ASP A 303 -7.43 21.25 -12.35
C ASP A 303 -7.79 20.32 -13.51
N ALA A 304 -7.32 20.65 -14.72
CA ALA A 304 -7.62 19.79 -15.88
C ALA A 304 -7.03 18.40 -15.73
N GLU A 305 -5.81 18.30 -15.21
CA GLU A 305 -5.22 16.98 -14.99
C GLU A 305 -6.03 16.17 -14.01
N ALA A 306 -6.38 16.77 -12.87
CA ALA A 306 -7.18 16.02 -11.89
C ALA A 306 -8.51 15.59 -12.47
N ARG A 307 -9.09 16.42 -13.34
CA ARG A 307 -10.36 16.07 -13.97
C ARG A 307 -10.21 14.82 -14.84
N VAL A 308 -9.09 14.71 -15.57
CA VAL A 308 -8.82 13.53 -16.38
C VAL A 308 -8.67 12.30 -15.49
N ILE A 309 -7.93 12.44 -14.40
CA ILE A 309 -7.73 11.33 -13.47
C ILE A 309 -9.08 10.84 -12.95
N LYS A 310 -9.95 11.78 -12.58
CA LYS A 310 -11.28 11.41 -12.11
C LYS A 310 -12.03 10.66 -13.22
N GLN A 311 -11.99 11.18 -14.44
CA GLN A 311 -12.77 10.59 -15.53
C GLN A 311 -12.28 9.19 -15.86
N ARG A 312 -10.95 8.96 -15.80
CA ARG A 312 -10.38 7.64 -16.10
C ARG A 312 -10.41 6.70 -14.91
N ARG A 313 -10.83 7.18 -13.74
CA ARG A 313 -11.03 6.39 -12.52
C ARG A 313 -9.72 5.82 -11.99
N CYS A 314 -8.61 6.54 -12.21
CA CYS A 314 -7.36 6.14 -11.63
C CYS A 314 -7.33 6.46 -10.13
N GLY A 315 -6.43 5.78 -9.43
CA GLY A 315 -6.23 5.99 -8.01
C GLY A 315 -4.90 6.63 -7.74
N ILE A 316 -4.77 7.34 -6.61
CA ILE A 316 -3.58 8.10 -6.28
C ILE A 316 -2.93 7.54 -5.04
N SER A 317 -1.61 7.32 -5.13
CA SER A 317 -0.80 6.94 -3.98
C SER A 317 -0.12 8.18 -3.40
N HIS A 318 -0.58 8.61 -2.22
CA HIS A 318 -0.01 9.74 -1.49
C HIS A 318 1.20 9.28 -0.68
N CYS A 319 2.35 9.91 -0.94
CA CYS A 319 3.64 9.49 -0.39
C CYS A 319 4.28 10.66 0.37
N PRO A 320 3.72 11.01 1.55
CA PRO A 320 4.14 12.26 2.21
C PRO A 320 5.58 12.27 2.64
N ILE A 321 6.15 11.13 3.07
CA ILE A 321 7.51 11.17 3.58
C ILE A 321 8.49 11.51 2.47
N SER A 322 8.35 10.84 1.32
CA SER A 322 9.14 11.16 0.15
C SER A 322 8.95 12.62 -0.27
N ASN A 323 7.69 13.08 -0.31
CA ASN A 323 7.40 14.39 -0.85
C ASN A 323 8.08 15.48 -0.02
N SER A 324 8.04 15.33 1.31
CA SER A 324 8.73 16.26 2.20
C SER A 324 10.25 16.09 2.11
N SER A 325 10.73 14.85 2.21
CA SER A 325 12.18 14.61 2.24
C SER A 325 12.90 15.13 1.01
N LEU A 326 12.35 14.90 -0.18
CA LEU A 326 12.95 15.35 -1.42
C LEU A 326 12.55 16.78 -1.79
N THR A 327 11.84 17.49 -0.91
CA THR A 327 11.38 18.85 -1.17
C THR A 327 10.58 18.91 -2.47
N SER A 328 9.74 17.91 -2.67
CA SER A 328 8.96 17.81 -3.90
C SER A 328 7.75 18.74 -3.88
N GLY A 329 7.06 18.79 -2.76
CA GLY A 329 5.87 19.60 -2.64
C GLY A 329 4.94 18.96 -1.63
N GLU A 330 3.72 19.50 -1.57
CA GLU A 330 2.65 19.02 -0.69
C GLU A 330 1.48 18.51 -1.54
N CYS A 331 1.19 17.23 -1.42
CA CYS A 331 0.03 16.65 -2.08
C CYS A 331 -1.25 17.22 -1.46
N ARG A 332 -2.14 17.68 -2.32
CA ARG A 332 -3.40 18.32 -1.89
C ARG A 332 -4.48 17.24 -1.70
N VAL A 333 -4.31 16.46 -0.65
CA VAL A 333 -5.10 15.23 -0.51
C VAL A 333 -6.59 15.57 -0.40
N ARG A 334 -6.94 16.57 0.42
CA ARG A 334 -8.35 16.93 0.54
C ARG A 334 -8.93 17.36 -0.81
N TRP A 335 -8.21 18.16 -1.56
CA TRP A 335 -8.68 18.61 -2.86
C TRP A 335 -8.93 17.44 -3.81
N LEU A 336 -8.07 16.42 -3.78
CA LEU A 336 -8.26 15.22 -4.59
C LEU A 336 -9.47 14.43 -4.11
N LEU A 337 -9.58 14.21 -2.80
CA LEU A 337 -10.74 13.49 -2.25
C LEU A 337 -12.04 14.23 -2.58
N ASP A 338 -12.00 15.57 -2.50
CA ASP A 338 -13.18 16.40 -2.74
C ASP A 338 -13.74 16.21 -4.14
N GLN A 339 -12.88 15.84 -5.09
CA GLN A 339 -13.25 15.59 -6.47
C GLN A 339 -13.66 14.15 -6.74
N GLY A 340 -13.68 13.30 -5.74
CA GLY A 340 -14.07 11.93 -5.91
C GLY A 340 -12.98 10.99 -6.37
N ILE A 341 -11.72 11.41 -6.30
CA ILE A 341 -10.60 10.56 -6.65
C ILE A 341 -10.23 9.73 -5.43
N LYS A 342 -9.97 8.44 -5.63
CA LYS A 342 -9.59 7.61 -4.50
C LYS A 342 -8.11 7.81 -4.21
N VAL A 343 -7.78 7.91 -2.94
CA VAL A 343 -6.42 8.16 -2.47
C VAL A 343 -6.06 7.13 -1.41
N GLY A 344 -4.84 6.59 -1.50
CA GLY A 344 -4.27 5.71 -0.51
C GLY A 344 -2.92 6.26 -0.11
N LEU A 345 -2.22 5.49 0.72
CA LEU A 345 -0.89 5.88 1.19
C LEU A 345 0.17 4.97 0.60
N GLY A 346 1.35 5.53 0.36
CA GLY A 346 2.50 4.74 -0.03
C GLY A 346 3.71 5.17 0.76
N THR A 347 4.58 4.20 1.05
CA THR A 347 5.83 4.52 1.73
C THR A 347 6.81 5.19 0.78
N ASP A 348 6.78 4.80 -0.49
CA ASP A 348 7.77 5.22 -1.49
C ASP A 348 9.20 4.98 -1.01
N VAL A 349 9.43 3.83 -0.35
CA VAL A 349 10.81 3.39 -0.16
C VAL A 349 11.54 3.51 -1.50
N SER A 350 12.78 4.05 -1.55
CA SER A 350 13.54 4.65 -0.46
C SER A 350 13.56 6.17 -0.43
N ALA A 351 12.89 6.84 -1.36
CA ALA A 351 12.75 8.29 -1.23
C ALA A 351 12.07 8.63 0.10
N GLY A 352 11.14 7.79 0.54
CA GLY A 352 10.66 7.80 1.91
C GLY A 352 11.43 6.76 2.69
N HIS A 353 11.86 7.15 3.91
CA HIS A 353 12.77 6.30 4.66
C HIS A 353 12.11 5.14 5.40
N SER A 354 10.80 5.17 5.58
CA SER A 354 10.13 4.24 6.46
C SER A 354 9.40 3.15 5.70
N CYS A 355 9.47 1.92 6.23
CA CYS A 355 8.66 0.83 5.74
C CYS A 355 7.26 0.82 6.33
N SER A 356 6.92 1.79 7.17
CA SER A 356 5.68 1.74 7.94
C SER A 356 4.59 2.61 7.33
N ILE A 357 3.42 2.04 7.09
CA ILE A 357 2.28 2.87 6.67
C ILE A 357 1.69 3.65 7.85
N LEU A 358 1.94 3.21 9.09
CA LEU A 358 1.54 4.01 10.24
C LEU A 358 2.36 5.29 10.30
N THR A 359 3.67 5.17 10.15
CA THR A 359 4.53 6.35 10.05
C THR A 359 4.09 7.23 8.89
N THR A 360 3.82 6.62 7.72
CA THR A 360 3.30 7.38 6.59
C THR A 360 2.01 8.12 6.94
N GLY A 361 1.09 7.45 7.65
CA GLY A 361 -0.15 8.10 8.03
C GLY A 361 0.07 9.31 8.93
N ARG A 362 0.97 9.17 9.90
CA ARG A 362 1.33 10.32 10.75
C ARG A 362 1.87 11.47 9.91
N GLN A 363 2.66 11.16 8.88
CA GLN A 363 3.18 12.25 8.06
C GLN A 363 2.11 12.81 7.12
N ALA A 364 1.15 11.99 6.66
CA ALA A 364 0.03 12.56 5.90
C ALA A 364 -0.74 13.56 6.77
N PHE A 365 -0.90 13.22 8.04
CA PHE A 365 -1.56 14.10 9.00
C PHE A 365 -0.84 15.43 9.08
N ALA A 366 0.49 15.38 9.22
CA ALA A 366 1.30 16.59 9.31
C ALA A 366 1.26 17.39 8.02
N VAL A 367 1.47 16.74 6.87
CA VAL A 367 1.47 17.47 5.60
C VAL A 367 0.16 18.24 5.41
N SER A 368 -0.97 17.61 5.72
CA SER A 368 -2.26 18.26 5.51
C SER A 368 -2.39 19.52 6.38
N ARG A 369 -1.70 19.56 7.52
CA ARG A 369 -1.71 20.77 8.35
C ARG A 369 -0.75 21.83 7.81
N HIS A 370 0.36 21.44 7.19
CA HIS A 370 1.16 22.45 6.50
C HIS A 370 0.32 23.14 5.43
N LEU A 371 -0.50 22.38 4.71
CA LEU A 371 -1.38 23.00 3.72
C LEU A 371 -2.44 23.84 4.40
N ALA A 372 -3.01 23.35 5.51
CA ALA A 372 -4.06 24.09 6.19
C ALA A 372 -3.58 25.41 6.76
N MET A 373 -2.29 25.53 7.08
CA MET A 373 -1.77 26.80 7.54
C MET A 373 -2.01 27.92 6.54
N ARG A 374 -2.09 27.57 5.25
CA ARG A 374 -2.30 28.54 4.18
C ARG A 374 -3.67 28.42 3.50
N GLU A 375 -4.32 27.26 3.55
CA GLU A 375 -5.51 26.95 2.75
C GLU A 375 -6.78 26.63 3.57
N THR A 376 -6.82 27.05 4.80
CA THR A 376 -7.92 26.83 5.73
C THR A 376 -7.99 25.42 6.25
N ASP A 377 -8.74 25.29 7.34
CA ASP A 377 -8.84 24.03 8.06
C ASP A 377 -9.43 22.93 7.21
N HIS A 378 -10.17 23.27 6.15
CA HIS A 378 -10.72 22.24 5.28
C HIS A 378 -9.66 21.25 4.82
N ALA A 379 -8.41 21.69 4.63
CA ALA A 379 -7.38 20.84 4.07
C ALA A 379 -6.86 19.79 5.06
N LYS A 380 -7.09 19.98 6.36
CA LYS A 380 -6.59 19.06 7.37
C LYS A 380 -7.28 17.72 7.28
N LEU A 381 -6.52 16.67 7.55
CA LEU A 381 -7.03 15.31 7.69
C LEU A 381 -7.04 14.90 9.14
N SER A 382 -8.09 14.23 9.56
CA SER A 382 -8.17 13.76 10.94
C SER A 382 -7.41 12.45 11.10
N VAL A 383 -7.20 12.05 12.36
CA VAL A 383 -6.66 10.72 12.67
C VAL A 383 -7.47 9.65 11.94
N SER A 384 -8.80 9.67 12.07
CA SER A 384 -9.57 8.60 11.46
C SER A 384 -9.44 8.63 9.93
N GLU A 385 -9.36 9.82 9.33
CA GLU A 385 -9.21 9.87 7.88
C GLU A 385 -7.87 9.31 7.44
N CYS A 386 -6.80 9.57 8.20
CA CYS A 386 -5.51 8.99 7.85
C CYS A 386 -5.53 7.47 7.97
N LEU A 387 -6.19 6.95 8.99
CA LEU A 387 -6.33 5.49 9.11
C LEU A 387 -7.17 4.92 7.99
N PHE A 388 -8.16 5.67 7.50
CA PHE A 388 -8.89 5.25 6.30
C PHE A 388 -7.95 5.17 5.10
N LEU A 389 -7.21 6.25 4.83
CA LEU A 389 -6.30 6.22 3.69
C LEU A 389 -5.34 5.03 3.78
N ALA A 390 -4.91 4.69 4.99
CA ALA A 390 -3.95 3.64 5.24
C ALA A 390 -4.49 2.24 5.01
N THR A 391 -5.82 2.09 4.95
CA THR A 391 -6.48 0.80 4.82
C THR A 391 -7.42 0.80 3.62
N MET A 392 -8.65 1.25 3.80
CA MET A 392 -9.64 1.25 2.75
C MET A 392 -9.20 2.10 1.56
N GLY A 393 -8.59 3.25 1.83
CA GLY A 393 -8.14 4.10 0.72
C GLY A 393 -7.21 3.36 -0.22
N GLY A 394 -6.22 2.66 0.35
CA GLY A 394 -5.31 1.90 -0.48
C GLY A 394 -6.03 0.77 -1.20
N ALA A 395 -6.95 0.10 -0.50
CA ALA A 395 -7.75 -0.93 -1.14
C ALA A 395 -8.53 -0.37 -2.32
N GLN A 396 -9.12 0.83 -2.15
CA GLN A 396 -9.82 1.47 -3.27
C GLN A 396 -8.86 1.73 -4.44
N VAL A 397 -7.68 2.26 -4.15
CA VAL A 397 -6.72 2.59 -5.21
C VAL A 397 -6.30 1.34 -5.97
N LEU A 398 -6.26 0.20 -5.30
CA LEU A 398 -5.92 -1.06 -5.96
C LEU A 398 -7.12 -1.78 -6.53
N ARG A 399 -8.31 -1.18 -6.43
CA ARG A 399 -9.56 -1.81 -6.88
C ARG A 399 -9.77 -3.16 -6.20
N MET A 400 -9.53 -3.19 -4.89
CA MET A 400 -9.72 -4.36 -4.03
C MET A 400 -10.60 -4.04 -2.82
N ASP A 401 -11.27 -2.90 -2.80
CA ASP A 401 -12.02 -2.51 -1.60
C ASP A 401 -13.27 -3.36 -1.37
N GLU A 402 -13.73 -4.11 -2.37
CA GLU A 402 -14.82 -5.05 -2.12
C GLU A 402 -14.37 -6.25 -1.30
N THR A 403 -13.06 -6.58 -1.30
CA THR A 403 -12.55 -7.73 -0.57
C THR A 403 -11.53 -7.39 0.52
N LEU A 404 -11.06 -6.15 0.60
CA LEU A 404 -10.03 -5.77 1.56
C LEU A 404 -10.45 -4.50 2.26
N GLY A 405 -9.86 -4.26 3.43
CA GLY A 405 -9.80 -2.94 4.02
C GLY A 405 -10.62 -2.74 5.29
N THR A 406 -11.60 -3.60 5.55
CA THR A 406 -12.45 -3.54 6.73
C THR A 406 -12.81 -4.94 7.21
N PHE A 407 -13.30 -5.00 8.45
CA PHE A 407 -13.87 -6.24 8.99
C PHE A 407 -15.34 -6.27 8.59
N ASP A 408 -15.61 -6.90 7.44
CA ASP A 408 -16.96 -7.04 6.93
C ASP A 408 -17.10 -8.40 6.26
N VAL A 409 -18.33 -8.92 6.31
CA VAL A 409 -18.61 -10.23 5.73
C VAL A 409 -18.24 -10.26 4.26
N GLY A 410 -17.57 -11.35 3.86
CA GLY A 410 -17.14 -11.54 2.50
C GLY A 410 -15.76 -11.02 2.21
N LYS A 411 -15.18 -10.23 3.10
CA LYS A 411 -13.86 -9.68 2.87
C LYS A 411 -12.78 -10.60 3.42
N GLN A 412 -11.56 -10.41 2.90
CA GLN A 412 -10.40 -11.15 3.36
C GLN A 412 -10.02 -10.75 4.78
N PHE A 413 -9.63 -11.74 5.57
CA PHE A 413 -9.09 -11.47 6.90
C PHE A 413 -7.61 -11.13 6.77
N ASP A 414 -7.36 -9.89 6.35
CA ASP A 414 -6.06 -9.23 6.38
C ASP A 414 -6.09 -8.29 7.59
N ALA A 415 -5.31 -8.61 8.62
CA ALA A 415 -5.54 -8.01 9.92
C ALA A 415 -4.26 -8.03 10.74
N GLN A 416 -4.22 -7.17 11.74
CA GLN A 416 -3.13 -7.15 12.69
C GLN A 416 -3.69 -6.99 14.10
N MET A 417 -3.01 -7.60 15.03
CA MET A 417 -3.30 -7.41 16.45
CA MET A 417 -3.28 -7.43 16.46
C MET A 417 -2.42 -6.28 16.97
N ILE A 418 -3.05 -5.26 17.52
CA ILE A 418 -2.36 -4.12 18.13
C ILE A 418 -2.47 -4.30 19.64
N ASP A 419 -1.33 -4.31 20.33
CA ASP A 419 -1.28 -4.36 21.80
C ASP A 419 -0.55 -3.11 22.25
N THR A 420 -1.29 -2.15 22.85
CA THR A 420 -0.65 -0.92 23.29
C THR A 420 0.24 -1.14 24.51
N ASN A 421 0.16 -2.31 25.15
CA ASN A 421 1.05 -2.63 26.26
C ASN A 421 2.08 -3.68 25.89
N ALA A 422 2.35 -3.88 24.60
CA ALA A 422 3.36 -4.81 24.19
C ALA A 422 4.71 -4.42 24.81
N PRO A 423 5.63 -5.37 24.93
CA PRO A 423 6.96 -5.04 25.44
C PRO A 423 7.58 -3.88 24.69
N GLY A 424 8.13 -2.93 25.44
CA GLY A 424 8.79 -1.78 24.86
C GLY A 424 7.86 -0.72 24.31
N SER A 425 6.55 -0.86 24.46
CA SER A 425 5.61 0.06 23.85
C SER A 425 5.89 1.51 24.24
N ASN A 426 5.78 2.42 23.28
CA ASN A 426 5.77 3.85 23.57
C ASN A 426 4.36 4.39 23.72
N VAL A 427 3.37 3.53 23.67
CA VAL A 427 1.98 3.89 23.91
C VAL A 427 1.68 3.44 25.32
N ASP A 428 1.46 4.38 26.22
CA ASP A 428 1.12 3.97 27.56
C ASP A 428 -0.03 4.82 28.04
N MET A 429 -0.69 4.30 29.06
CA MET A 429 -1.92 4.86 29.59
C MET A 429 -1.90 4.57 31.08
N PHE A 430 -2.27 5.56 31.88
CA PHE A 430 -2.32 5.35 33.31
C PHE A 430 -3.66 4.76 33.69
N HIS A 431 -3.66 3.93 34.75
CA HIS A 431 -4.88 3.25 35.15
C HIS A 431 -6.01 4.24 35.41
N TRP A 432 -5.68 5.40 35.97
CA TRP A 432 -6.70 6.39 36.31
C TRP A 432 -7.24 7.12 35.09
N GLN A 433 -6.68 6.91 33.90
CA GLN A 433 -7.21 7.48 32.67
C GLN A 433 -8.27 6.62 32.02
N LEU A 434 -8.48 5.41 32.52
CA LEU A 434 -9.25 4.40 31.80
C LEU A 434 -10.61 4.23 32.46
N LYS A 435 -11.66 4.27 31.64
CA LYS A 435 -13.05 4.18 32.08
C LYS A 435 -13.46 2.73 32.33
N ASN A 454 -11.91 14.55 40.00
CA ASN A 454 -11.79 13.37 39.15
C ASN A 454 -11.01 13.71 37.88
N PRO A 455 -9.96 12.94 37.56
CA PRO A 455 -9.07 13.32 36.45
C PRO A 455 -9.67 12.97 35.10
N PRO A 456 -9.21 13.61 34.02
CA PRO A 456 -9.81 13.34 32.70
C PRO A 456 -9.63 11.90 32.27
N LEU A 457 -10.64 11.38 31.57
CA LEU A 457 -10.62 10.00 31.11
C LEU A 457 -10.41 9.95 29.60
N LEU A 458 -9.81 8.86 29.15
CA LEU A 458 -9.61 8.64 27.72
C LEU A 458 -10.82 7.92 27.11
N THR A 459 -11.19 8.33 25.92
CA THR A 459 -12.14 7.57 25.13
C THR A 459 -11.41 6.47 24.37
N ASN A 460 -12.18 5.51 23.85
CA ASN A 460 -11.64 4.53 22.92
C ASN A 460 -10.96 5.22 21.75
N GLU A 461 -11.57 6.29 21.23
CA GLU A 461 -10.97 7.02 20.12
C GLU A 461 -9.62 7.61 20.52
N ASP A 462 -9.51 8.09 21.76
CA ASP A 462 -8.25 8.64 22.25
C ASP A 462 -7.17 7.56 22.31
N ILE A 463 -7.55 6.36 22.71
CA ILE A 463 -6.57 5.27 22.76
C ILE A 463 -6.04 4.98 21.36
N ILE A 464 -6.93 4.95 20.36
CA ILE A 464 -6.49 4.70 18.99
C ILE A 464 -5.56 5.81 18.54
N ALA A 465 -5.88 7.06 18.90
CA ALA A 465 -5.02 8.17 18.53
C ALA A 465 -3.64 8.06 19.18
N LYS A 466 -3.58 7.59 20.42
CA LYS A 466 -2.28 7.39 21.06
C LYS A 466 -1.41 6.39 20.28
N TRP A 467 -2.02 5.31 19.79
CA TRP A 467 -1.30 4.37 18.94
C TRP A 467 -0.95 5.01 17.60
N PHE A 468 -1.88 5.77 17.00
CA PHE A 468 -1.58 6.44 15.74
C PHE A 468 -0.33 7.32 15.86
N PHE A 469 -0.19 8.07 16.95
CA PHE A 469 0.91 9.01 17.05
C PHE A 469 2.19 8.42 17.62
N ASN A 470 2.11 7.50 18.57
CA ASN A 470 3.32 6.99 19.22
C ASN A 470 3.52 5.50 19.04
N GLY A 471 2.64 4.84 18.32
CA GLY A 471 2.82 3.43 18.06
C GLY A 471 3.88 3.18 17.01
N ASP A 472 4.38 1.95 17.00
CA ASP A 472 5.21 1.52 15.89
C ASP A 472 5.10 0.00 15.79
N ASP A 473 6.06 -0.61 15.10
CA ASP A 473 5.99 -2.04 14.85
C ASP A 473 5.90 -2.85 16.14
N ARG A 474 6.48 -2.36 17.23
CA ARG A 474 6.46 -3.16 18.45
C ARG A 474 5.05 -3.36 19.00
N ASN A 475 4.07 -2.57 18.55
CA ASN A 475 2.68 -2.79 18.95
C ASN A 475 1.93 -3.76 18.03
N THR A 476 2.47 -4.07 16.86
CA THR A 476 1.88 -5.05 15.95
C THR A 476 2.45 -6.41 16.35
N THR A 477 1.65 -7.22 17.04
CA THR A 477 2.14 -8.46 17.61
C THR A 477 1.84 -9.67 16.74
N LYS A 478 0.81 -9.59 15.90
CA LYS A 478 0.45 -10.67 15.00
C LYS A 478 -0.09 -10.04 13.73
N VAL A 479 0.17 -10.68 12.59
CA VAL A 479 -0.37 -10.23 11.30
C VAL A 479 -0.93 -11.44 10.57
N TRP A 480 -2.13 -11.28 10.02
CA TRP A 480 -2.81 -12.29 9.23
C TRP A 480 -3.00 -11.75 7.82
N VAL A 481 -2.75 -12.59 6.83
CA VAL A 481 -3.08 -12.28 5.44
C VAL A 481 -3.91 -13.43 4.93
N ALA A 482 -5.10 -13.14 4.41
CA ALA A 482 -5.99 -14.19 3.90
C ALA A 482 -6.24 -15.24 4.97
N GLY A 483 -6.44 -14.76 6.19
CA GLY A 483 -6.77 -15.63 7.31
C GLY A 483 -5.68 -16.58 7.72
N GLN A 484 -4.44 -16.37 7.27
CA GLN A 484 -3.29 -17.17 7.70
C GLN A 484 -2.36 -16.25 8.47
N GLN A 485 -1.86 -16.71 9.61
CA GLN A 485 -0.92 -15.89 10.37
C GLN A 485 0.44 -15.94 9.69
N VAL A 486 0.91 -14.79 9.22
CA VAL A 486 2.17 -14.68 8.51
C VAL A 486 3.27 -14.03 9.32
N TYR A 487 2.96 -13.48 10.49
CA TYR A 487 3.94 -12.78 11.28
C TYR A 487 3.58 -12.93 12.75
N GLN A 488 4.59 -13.17 13.57
CA GLN A 488 4.45 -13.24 15.02
C GLN A 488 5.63 -12.52 15.66
N ILE A 489 5.36 -11.59 16.56
CA ILE A 489 6.44 -10.84 17.18
C ILE A 489 7.24 -11.73 18.14
#